data_2MTO
#
_entry.id   2MTO
#
_entity_poly.entity_id   1
_entity_poly.type   'polypeptide(L)'
_entity_poly.pdbx_seq_one_letter_code
;G(ABA)CSDPR(ABA)RYRCR
;
_entity_poly.pdbx_strand_id   A
#
# COMPACT_ATOMS: atom_id res chain seq x y z
N GLY A 1 5.96 -0.24 5.76
CA GLY A 1 4.98 0.71 5.17
C GLY A 1 3.76 -0.05 4.68
N CYS A 3 1.74 0.86 2.31
CA CYS A 3 1.74 0.90 0.86
C CYS A 3 2.60 -0.21 0.29
N SER A 4 3.74 -0.45 0.92
CA SER A 4 4.65 -1.50 0.46
C SER A 4 4.00 -2.88 0.61
N ASP A 5 3.25 -3.06 1.69
CA ASP A 5 2.60 -4.34 1.94
C ASP A 5 1.21 -4.39 1.28
N PRO A 6 0.79 -5.54 0.81
CA PRO A 6 -0.54 -5.71 0.16
C PRO A 6 -1.69 -5.56 1.14
N ARG A 7 -1.40 -5.77 2.41
CA ARG A 7 -2.43 -5.65 3.45
C ARG A 7 -2.99 -4.24 3.48
N ARG A 9 -3.61 -1.41 0.73
CA ARG A 9 -3.63 -0.92 -0.63
C ARG A 9 -4.10 0.53 -0.67
N TYR A 10 -3.31 1.41 -0.08
CA TYR A 10 -3.65 2.82 -0.06
C TYR A 10 -3.60 3.42 -1.46
N ARG A 11 -3.53 4.74 -1.54
CA ARG A 11 -3.49 5.43 -2.82
C ARG A 11 -2.18 5.11 -3.53
N CYS A 12 -1.23 4.53 -2.80
CA CYS A 12 0.06 4.18 -3.37
C CYS A 12 -0.11 3.16 -4.50
N ARG A 13 -0.65 3.63 -5.60
CA ARG A 13 -0.87 2.76 -6.76
C ARG A 13 0.37 2.71 -7.64
N GLY A 1 6.03 -0.26 5.57
CA GLY A 1 4.98 0.75 5.22
C GLY A 1 3.76 0.05 4.64
N CYS A 3 2.00 1.24 2.33
CA CYS A 3 2.03 1.51 0.90
C CYS A 3 2.63 0.36 0.11
N SER A 4 3.67 -0.26 0.67
CA SER A 4 4.34 -1.36 0.00
C SER A 4 3.69 -2.70 0.33
N ASP A 5 3.07 -2.78 1.52
CA ASP A 5 2.42 -4.02 1.94
C ASP A 5 1.11 -4.25 1.17
N PRO A 6 0.76 -5.48 0.88
CA PRO A 6 -0.50 -5.81 0.15
C PRO A 6 -1.74 -5.63 1.03
N ARG A 7 -1.57 -5.80 2.33
CA ARG A 7 -2.68 -5.67 3.27
C ARG A 7 -3.21 -4.24 3.28
N ARG A 9 -3.71 -1.61 0.77
CA ARG A 9 -3.78 -1.16 -0.62
C ARG A 9 -4.15 0.31 -0.67
N TYR A 10 -3.39 1.12 0.05
CA TYR A 10 -3.64 2.57 0.09
C TYR A 10 -3.47 3.17 -1.30
N ARG A 11 -3.31 4.48 -1.35
CA ARG A 11 -3.14 5.17 -2.61
C ARG A 11 -1.90 4.67 -3.33
N CYS A 12 -0.86 4.37 -2.57
CA CYS A 12 0.39 3.88 -3.14
C CYS A 12 0.14 2.59 -3.93
N ARG A 13 0.74 1.48 -3.48
CA ARG A 13 0.56 0.21 -4.17
C ARG A 13 -0.43 -0.66 -3.43
N GLY A 1 6.24 0.10 4.43
CA GLY A 1 5.05 0.99 4.54
C GLY A 1 3.79 0.23 4.13
N CYS A 3 1.88 0.82 1.72
CA CYS A 3 1.94 0.66 0.26
C CYS A 3 2.75 -0.58 -0.10
N SER A 4 3.91 -0.71 0.48
CA SER A 4 4.78 -1.85 0.22
C SER A 4 4.13 -3.15 0.69
N ASP A 5 3.21 -3.02 1.64
CA ASP A 5 2.54 -4.20 2.18
C ASP A 5 1.15 -4.39 1.53
N PRO A 6 0.74 -5.63 1.33
CA PRO A 6 -0.58 -5.94 0.70
C PRO A 6 -1.75 -5.62 1.61
N ARG A 7 -1.51 -5.64 2.92
CA ARG A 7 -2.55 -5.34 3.88
C ARG A 7 -3.07 -3.93 3.70
N ARG A 9 -3.69 -1.71 0.56
CA ARG A 9 -3.76 -1.47 -0.87
C ARG A 9 -4.40 -0.12 -1.16
N TYR A 10 -4.09 0.85 -0.31
CA TYR A 10 -4.64 2.19 -0.47
C TYR A 10 -3.77 3.01 -1.43
N ARG A 11 -3.99 4.33 -1.44
CA ARG A 11 -3.23 5.20 -2.31
C ARG A 11 -1.74 5.04 -2.05
N CYS A 12 -0.97 5.09 -3.13
CA CYS A 12 0.47 4.93 -3.03
C CYS A 12 1.17 5.65 -4.17
N ARG A 13 1.90 6.69 -3.83
CA ARG A 13 2.63 7.47 -4.84
C ARG A 13 3.85 8.13 -4.22
N GLY A 1 6.05 -0.41 5.61
CA GLY A 1 5.04 0.58 5.15
C GLY A 1 3.81 -0.14 4.65
N CYS A 3 1.80 0.85 2.31
CA CYS A 3 1.80 0.92 0.86
C CYS A 3 2.63 -0.21 0.26
N SER A 4 3.75 -0.49 0.88
CA SER A 4 4.63 -1.56 0.41
C SER A 4 3.97 -2.92 0.60
N ASP A 5 3.25 -3.08 1.70
CA ASP A 5 2.58 -4.34 2.00
C ASP A 5 1.19 -4.40 1.32
N PRO A 6 0.77 -5.58 0.89
CA PRO A 6 -0.55 -5.78 0.22
C PRO A 6 -1.71 -5.60 1.19
N ARG A 7 -1.44 -5.78 2.48
CA ARG A 7 -2.48 -5.65 3.48
C ARG A 7 -3.01 -4.22 3.49
N ARG A 9 -3.56 -1.44 0.72
CA ARG A 9 -3.54 -0.95 -0.65
C ARG A 9 -4.07 0.48 -0.70
N TYR A 10 -3.30 1.39 -0.15
CA TYR A 10 -3.68 2.79 -0.13
C TYR A 10 -3.57 3.39 -1.53
N ARG A 11 -3.67 4.72 -1.62
CA ARG A 11 -3.58 5.40 -2.90
C ARG A 11 -2.21 5.19 -3.53
N CYS A 12 -1.32 4.58 -2.77
CA CYS A 12 0.04 4.34 -3.25
C CYS A 12 -0.01 3.47 -4.50
N ARG A 13 -0.90 2.49 -4.51
CA ARG A 13 -1.04 1.60 -5.66
C ARG A 13 -2.01 2.19 -6.67
N GLY A 1 6.17 0.04 4.82
CA GLY A 1 5.08 1.01 4.48
C GLY A 1 3.82 0.23 4.11
N CYS A 3 1.86 0.82 1.69
CA CYS A 3 1.88 0.62 0.25
C CYS A 3 2.69 -0.61 -0.12
N SER A 4 3.87 -0.72 0.47
CA SER A 4 4.74 -1.86 0.21
C SER A 4 4.09 -3.16 0.68
N ASP A 5 3.19 -3.04 1.66
CA ASP A 5 2.51 -4.22 2.20
C ASP A 5 1.13 -4.42 1.55
N PRO A 6 0.71 -5.65 1.36
CA PRO A 6 -0.62 -5.97 0.73
C PRO A 6 -1.78 -5.62 1.64
N ARG A 7 -1.52 -5.63 2.95
CA ARG A 7 -2.56 -5.32 3.92
C ARG A 7 -3.06 -3.90 3.71
N ARG A 9 -3.59 -1.73 0.52
CA ARG A 9 -3.59 -1.50 -0.92
C ARG A 9 -4.30 -0.19 -1.24
N TYR A 10 -4.07 0.80 -0.40
CA TYR A 10 -4.69 2.11 -0.61
C TYR A 10 -3.79 3.00 -1.47
N ARG A 11 -4.02 4.31 -1.40
CA ARG A 11 -3.22 5.25 -2.18
C ARG A 11 -1.74 4.95 -2.02
N CYS A 12 -0.98 5.28 -3.04
CA CYS A 12 0.46 5.05 -3.00
C CYS A 12 1.14 5.68 -4.21
N ARG A 13 0.94 5.07 -5.37
CA ARG A 13 1.54 5.59 -6.61
C ARG A 13 0.67 6.69 -7.20
N GLY A 1 6.39 0.40 3.57
CA GLY A 1 5.35 0.69 4.59
C GLY A 1 4.04 -0.01 4.21
N CYS A 3 2.04 1.10 2.07
CA CYS A 3 1.88 1.31 0.63
C CYS A 3 2.34 0.08 -0.16
N SER A 4 3.43 -0.52 0.29
CA SER A 4 3.98 -1.70 -0.40
C SER A 4 3.32 -2.98 0.09
N ASP A 5 2.90 -2.98 1.35
CA ASP A 5 2.26 -4.15 1.94
C ASP A 5 0.85 -4.37 1.35
N PRO A 6 0.43 -5.62 1.23
CA PRO A 6 -0.92 -5.97 0.68
C PRO A 6 -2.05 -5.59 1.63
N ARG A 7 -1.82 -5.76 2.93
CA ARG A 7 -2.83 -5.43 3.93
C ARG A 7 -3.20 -3.95 3.84
N ARG A 9 -3.03 -2.13 0.85
CA ARG A 9 -2.96 -1.91 -0.59
C ARG A 9 -3.76 -0.68 -0.99
N TYR A 10 -3.40 0.47 -0.42
CA TYR A 10 -4.08 1.72 -0.72
C TYR A 10 -3.19 2.61 -1.59
N ARG A 11 -3.81 3.54 -2.31
CA ARG A 11 -3.07 4.44 -3.17
C ARG A 11 -1.94 5.11 -2.41
N CYS A 12 -0.79 5.24 -3.05
CA CYS A 12 0.37 5.87 -2.42
C CYS A 12 1.12 6.74 -3.42
N ARG A 13 1.15 6.31 -4.68
CA ARG A 13 1.84 7.06 -5.72
C ARG A 13 0.96 8.20 -6.22
N GLY A 1 5.84 0.81 3.93
CA GLY A 1 4.57 1.00 4.69
C GLY A 1 3.40 0.46 3.87
N CYS A 3 2.32 1.47 1.50
CA CYS A 3 2.58 1.82 0.11
C CYS A 3 2.67 0.58 -0.77
N SER A 4 3.29 -0.47 -0.26
CA SER A 4 3.46 -1.70 -1.02
C SER A 4 3.02 -2.94 -0.24
N ASP A 5 2.71 -2.77 1.05
CA ASP A 5 2.31 -3.91 1.87
C ASP A 5 0.91 -4.42 1.46
N PRO A 6 0.68 -5.71 1.50
CA PRO A 6 -0.64 -6.30 1.11
C PRO A 6 -1.74 -5.97 2.10
N ARG A 7 -1.37 -5.71 3.35
CA ARG A 7 -2.35 -5.38 4.37
C ARG A 7 -3.02 -4.05 4.05
N ARG A 9 -4.05 -2.16 0.66
CA ARG A 9 -4.17 -2.06 -0.80
C ARG A 9 -4.61 -0.66 -1.19
N TYR A 10 -3.89 0.34 -0.70
CA TYR A 10 -4.20 1.72 -1.00
C TYR A 10 -2.98 2.44 -1.57
N ARG A 11 -3.23 3.54 -2.27
CA ARG A 11 -2.15 4.30 -2.89
C ARG A 11 -1.18 4.80 -1.83
N CYS A 12 0.10 4.81 -2.19
CA CYS A 12 1.15 5.26 -1.28
C CYS A 12 0.93 6.72 -0.90
N ARG A 13 0.67 7.55 -1.90
CA ARG A 13 0.45 8.97 -1.67
C ARG A 13 -1.04 9.26 -1.50
N GLY A 1 4.99 1.99 5.33
CA GLY A 1 5.32 0.77 4.54
C GLY A 1 4.03 0.06 4.15
N CYS A 3 2.05 1.12 2.04
CA CYS A 3 1.89 1.35 0.61
C CYS A 3 2.31 0.12 -0.19
N SER A 4 3.39 -0.51 0.24
CA SER A 4 3.92 -1.69 -0.46
C SER A 4 3.27 -2.98 0.07
N ASP A 5 2.86 -2.98 1.33
CA ASP A 5 2.25 -4.16 1.93
C ASP A 5 0.84 -4.39 1.36
N PRO A 6 0.42 -5.63 1.25
CA PRO A 6 -0.92 -5.99 0.71
C PRO A 6 -2.06 -5.60 1.66
N ARG A 7 -1.80 -5.75 2.96
CA ARG A 7 -2.80 -5.42 3.97
C ARG A 7 -3.19 -3.95 3.88
N ARG A 9 -3.05 -2.17 0.84
CA ARG A 9 -3.01 -1.96 -0.59
C ARG A 9 -3.81 -0.74 -0.98
N TYR A 10 -3.38 0.42 -0.48
CA TYR A 10 -4.05 1.68 -0.77
C TYR A 10 -3.15 2.58 -1.60
N ARG A 11 -3.75 3.50 -2.34
CA ARG A 11 -2.99 4.41 -3.18
C ARG A 11 -1.89 5.09 -2.37
N CYS A 12 -0.75 5.29 -3.01
CA CYS A 12 0.39 5.91 -2.36
C CYS A 12 1.10 6.87 -3.29
N ARG A 13 1.13 6.53 -4.58
CA ARG A 13 1.79 7.37 -5.57
C ARG A 13 0.74 7.98 -6.50
N GLY A 1 6.35 0.52 4.32
CA GLY A 1 5.12 1.31 4.60
C GLY A 1 3.88 0.48 4.26
N CYS A 3 1.51 1.36 2.12
CA CYS A 3 1.35 1.42 0.67
C CYS A 3 2.04 0.22 0.01
N SER A 4 3.26 -0.05 0.43
CA SER A 4 4.03 -1.17 -0.12
C SER A 4 3.35 -2.50 0.23
N ASP A 5 2.85 -2.61 1.46
CA ASP A 5 2.20 -3.83 1.90
C ASP A 5 0.86 -4.04 1.18
N PRO A 6 0.48 -5.28 0.92
CA PRO A 6 -0.79 -5.62 0.22
C PRO A 6 -2.02 -5.30 1.06
N ARG A 7 -1.85 -5.30 2.37
CA ARG A 7 -2.96 -5.01 3.27
C ARG A 7 -3.28 -3.51 3.26
N ARG A 9 -2.31 -1.53 0.29
CA ARG A 9 -1.97 -1.11 -1.06
C ARG A 9 -2.83 0.07 -1.50
N TYR A 10 -3.73 0.48 -0.64
CA TYR A 10 -4.62 1.61 -0.96
C TYR A 10 -3.83 2.90 -1.12
N ARG A 11 -2.86 3.13 -0.24
CA ARG A 11 -2.04 4.33 -0.30
C ARG A 11 -1.21 4.38 -1.58
N CYS A 12 -0.68 3.24 -1.97
CA CYS A 12 0.13 3.16 -3.18
C CYS A 12 -0.73 2.82 -4.39
N ARG A 13 -1.38 1.67 -4.34
CA ARG A 13 -2.24 1.24 -5.44
C ARG A 13 -3.71 1.43 -5.08
N GLY A 1 6.18 0.56 4.27
CA GLY A 1 4.99 0.87 5.12
C GLY A 1 3.77 0.11 4.58
N CYS A 3 2.02 1.09 2.23
CA CYS A 3 2.04 1.27 0.78
C CYS A 3 2.65 0.06 0.09
N SER A 4 3.71 -0.48 0.68
CA SER A 4 4.39 -1.63 0.10
C SER A 4 3.71 -2.94 0.52
N ASP A 5 3.08 -2.93 1.69
CA ASP A 5 2.42 -4.13 2.18
C ASP A 5 1.06 -4.35 1.49
N PRO A 6 0.83 -5.49 0.86
CA PRO A 6 -0.47 -5.79 0.17
C PRO A 6 -1.66 -5.62 1.10
N ARG A 7 -1.44 -5.86 2.38
CA ARG A 7 -2.53 -5.74 3.35
C ARG A 7 -3.08 -4.33 3.37
N ARG A 9 -3.77 -1.59 0.85
CA ARG A 9 -3.88 -1.12 -0.54
C ARG A 9 -4.28 0.34 -0.57
N TYR A 10 -3.39 1.19 -0.09
CA TYR A 10 -3.65 2.62 -0.06
C TYR A 10 -3.49 3.22 -1.45
N ARG A 11 -3.49 4.54 -1.53
CA ARG A 11 -3.36 5.23 -2.81
C ARG A 11 -2.03 4.88 -3.45
N CYS A 12 -0.99 4.73 -2.62
CA CYS A 12 0.34 4.39 -3.10
C CYS A 12 0.25 3.39 -4.25
N ARG A 13 -0.76 2.52 -4.19
CA ARG A 13 -0.95 1.52 -5.23
C ARG A 13 -2.34 1.68 -5.85
N GLY A 1 5.01 3.36 3.84
CA GLY A 1 4.61 2.29 4.79
C GLY A 1 3.20 1.81 4.47
N CYS A 3 1.80 1.02 2.19
CA CYS A 3 1.53 1.18 0.77
C CYS A 3 2.10 -0.02 0.01
N SER A 4 3.31 -0.42 0.36
CA SER A 4 3.95 -1.55 -0.30
C SER A 4 3.27 -2.86 0.10
N ASP A 5 2.92 -2.98 1.37
CA ASP A 5 2.28 -4.20 1.87
C ASP A 5 0.86 -4.36 1.32
N PRO A 6 0.42 -5.57 1.07
CA PRO A 6 -0.95 -5.83 0.55
C PRO A 6 -2.05 -5.51 1.55
N ARG A 7 -1.74 -5.72 2.83
CA ARG A 7 -2.69 -5.44 3.89
C ARG A 7 -3.09 -3.97 3.86
N ARG A 9 -2.90 -2.03 0.83
CA ARG A 9 -2.80 -1.76 -0.60
C ARG A 9 -3.63 -0.54 -0.97
N TYR A 10 -3.34 0.57 -0.33
CA TYR A 10 -4.04 1.82 -0.59
C TYR A 10 -3.22 2.70 -1.52
N ARG A 11 -3.88 3.66 -2.14
CA ARG A 11 -3.20 4.56 -3.06
C ARG A 11 -1.93 5.11 -2.43
N CYS A 12 -0.89 5.18 -3.23
CA CYS A 12 0.38 5.69 -2.75
C CYS A 12 1.29 6.08 -3.91
N ARG A 13 1.34 5.21 -4.92
CA ARG A 13 2.17 5.46 -6.09
C ARG A 13 1.31 5.93 -7.26
N GLY A 1 4.63 4.63 3.89
CA GLY A 1 4.58 3.17 4.17
C GLY A 1 3.23 2.62 3.72
N CYS A 3 2.53 1.29 1.42
CA CYS A 3 2.50 1.35 -0.04
C CYS A 3 2.67 -0.04 -0.65
N SER A 4 3.55 -0.83 -0.06
CA SER A 4 3.82 -2.18 -0.57
C SER A 4 3.09 -3.26 0.21
N ASP A 5 2.64 -2.95 1.43
CA ASP A 5 1.96 -3.95 2.24
C ASP A 5 0.62 -4.32 1.60
N PRO A 6 0.18 -5.55 1.72
CA PRO A 6 -1.11 -6.01 1.13
C PRO A 6 -2.32 -5.39 1.84
N ARG A 7 -2.18 -5.13 3.12
CA ARG A 7 -3.26 -4.55 3.90
C ARG A 7 -3.43 -3.07 3.55
N ARG A 9 -2.15 -1.98 0.22
CA ARG A 9 -1.85 -1.90 -1.21
C ARG A 9 -3.00 -1.24 -1.95
N TYR A 10 -3.52 -0.16 -1.38
CA TYR A 10 -4.63 0.57 -1.99
C TYR A 10 -4.26 2.03 -2.17
N ARG A 11 -3.52 2.56 -1.20
CA ARG A 11 -3.13 3.95 -1.23
C ARG A 11 -1.63 4.11 -0.93
N CYS A 12 -1.05 5.16 -1.49
CA CYS A 12 0.37 5.43 -1.28
C CYS A 12 0.65 6.92 -1.48
N ARG A 13 0.73 7.33 -2.74
CA ARG A 13 0.99 8.73 -3.06
C ARG A 13 -0.31 9.53 -3.05
N GLY A 1 4.53 2.14 5.40
CA GLY A 1 4.95 0.94 4.60
C GLY A 1 3.71 0.20 4.13
N CYS A 3 1.87 0.84 1.79
CA CYS A 3 1.96 0.74 0.34
C CYS A 3 2.78 -0.48 -0.08
N SER A 4 3.94 -0.62 0.53
CA SER A 4 4.82 -1.73 0.22
C SER A 4 4.18 -3.06 0.62
N ASP A 5 3.25 -3.02 1.58
CA ASP A 5 2.60 -4.24 2.04
C ASP A 5 1.19 -4.39 1.44
N PRO A 6 0.76 -5.59 1.15
CA PRO A 6 -0.59 -5.84 0.57
C PRO A 6 -1.70 -5.61 1.58
N ARG A 7 -1.35 -5.71 2.86
CA ARG A 7 -2.33 -5.51 3.92
C ARG A 7 -2.96 -4.13 3.81
N ARG A 9 -4.06 -1.71 0.84
CA ARG A 9 -4.28 -1.44 -0.57
C ARG A 9 -4.86 -0.04 -0.76
N TYR A 10 -4.08 0.95 -0.35
CA TYR A 10 -4.49 2.35 -0.48
C TYR A 10 -3.59 3.09 -1.44
N ARG A 11 -3.92 4.34 -1.71
CA ARG A 11 -3.12 5.14 -2.63
C ARG A 11 -1.65 5.07 -2.26
N CYS A 12 -0.81 5.03 -3.28
CA CYS A 12 0.62 4.95 -3.08
C CYS A 12 1.36 5.68 -4.19
N ARG A 13 2.04 6.76 -3.81
CA ARG A 13 2.79 7.56 -4.78
C ARG A 13 4.26 7.66 -4.35
N GLY A 1 6.52 -0.30 4.22
CA GLY A 1 5.43 0.21 5.10
C GLY A 1 4.10 -0.36 4.64
N CYS A 3 2.21 1.03 2.39
CA CYS A 3 2.15 1.21 0.94
C CYS A 3 2.67 -0.03 0.23
N SER A 4 3.78 -0.57 0.72
CA SER A 4 4.37 -1.76 0.13
C SER A 4 3.49 -2.98 0.38
N ASP A 5 2.99 -3.10 1.60
CA ASP A 5 2.15 -4.23 1.98
C ASP A 5 0.74 -4.12 1.34
N PRO A 6 0.25 -5.16 0.67
CA PRO A 6 -1.11 -5.16 0.03
C PRO A 6 -2.21 -4.80 1.02
N ARG A 7 -1.97 -5.12 2.29
CA ARG A 7 -2.94 -4.83 3.33
C ARG A 7 -3.20 -3.32 3.43
N ARG A 9 -1.78 -1.30 0.49
CA ARG A 9 -1.46 -0.79 -0.84
C ARG A 9 -2.73 -0.30 -1.55
N TYR A 10 -3.46 0.58 -0.90
CA TYR A 10 -4.69 1.13 -1.47
C TYR A 10 -4.49 2.58 -1.89
N ARG A 11 -3.84 3.36 -1.04
CA ARG A 11 -3.59 4.76 -1.34
C ARG A 11 -2.22 4.95 -1.98
N CYS A 12 -1.45 3.86 -2.05
CA CYS A 12 -0.12 3.92 -2.66
C CYS A 12 -0.06 3.03 -3.90
N ARG A 13 -0.39 3.61 -5.03
CA ARG A 13 -0.37 2.86 -6.28
C ARG A 13 1.05 2.78 -6.84
N GLY A 1 6.53 -0.90 5.01
CA GLY A 1 5.45 0.11 5.23
C GLY A 1 4.14 -0.43 4.67
N CYS A 3 2.45 1.10 2.50
CA CYS A 3 2.46 1.47 1.10
C CYS A 3 2.90 0.30 0.22
N SER A 4 3.90 -0.44 0.69
CA SER A 4 4.43 -1.57 -0.05
C SER A 4 3.63 -2.85 0.22
N ASP A 5 3.08 -2.95 1.42
CA ASP A 5 2.31 -4.13 1.80
C ASP A 5 0.93 -4.14 1.11
N PRO A 6 0.42 -5.32 0.78
CA PRO A 6 -0.90 -5.45 0.10
C PRO A 6 -2.07 -5.13 1.04
N ARG A 7 -1.91 -5.49 2.31
CA ARG A 7 -2.95 -5.25 3.30
C ARG A 7 -3.25 -3.75 3.39
N ARG A 9 -2.96 -1.58 0.66
CA ARG A 9 -2.89 -1.20 -0.74
C ARG A 9 -3.90 -0.11 -1.03
N TYR A 10 -3.83 0.97 -0.28
CA TYR A 10 -4.76 2.08 -0.48
C TYR A 10 -4.44 2.82 -1.77
N ARG A 11 -3.76 3.95 -1.65
CA ARG A 11 -3.41 4.74 -2.82
C ARG A 11 -1.93 4.59 -3.14
N CYS A 12 -1.14 4.29 -2.12
CA CYS A 12 0.30 4.11 -2.31
C CYS A 12 0.57 3.11 -3.45
N ARG A 13 0.88 1.85 -3.09
CA ARG A 13 1.16 0.82 -4.08
C ARG A 13 0.23 -0.37 -3.90
N GLY A 1 5.40 4.45 1.92
CA GLY A 1 4.07 4.36 2.61
C GLY A 1 3.74 2.89 2.88
N CYS A 3 2.37 1.10 1.44
CA CYS A 3 2.40 0.39 0.15
C CYS A 3 3.30 -0.82 0.24
N SER A 4 4.07 -0.91 1.31
CA SER A 4 4.99 -2.03 1.51
C SER A 4 4.20 -3.35 1.50
N ASP A 5 3.00 -3.32 2.07
CA ASP A 5 2.17 -4.54 2.12
C ASP A 5 0.86 -4.37 1.32
N PRO A 6 0.31 -5.44 0.75
CA PRO A 6 -0.96 -5.38 -0.03
C PRO A 6 -2.12 -4.84 0.79
N ARG A 7 -2.05 -5.03 2.10
CA ARG A 7 -3.10 -4.57 2.99
C ARG A 7 -3.28 -3.06 2.90
N ARG A 9 -2.63 -1.36 -0.06
CA ARG A 9 -2.58 -1.09 -1.49
C ARG A 9 -3.44 0.11 -1.83
N TYR A 10 -4.34 0.48 -0.91
CA TYR A 10 -5.23 1.61 -1.14
C TYR A 10 -4.43 2.90 -1.21
N ARG A 11 -3.73 3.22 -0.14
CA ARG A 11 -2.93 4.43 -0.09
C ARG A 11 -1.89 4.42 -1.19
N CYS A 12 -1.36 3.23 -1.47
CA CYS A 12 -0.35 3.11 -2.50
C CYS A 12 -0.90 3.61 -3.84
N ARG A 13 -2.16 3.32 -4.10
CA ARG A 13 -2.79 3.75 -5.34
C ARG A 13 -3.39 5.14 -5.18
N GLY A 1 4.27 4.91 3.77
CA GLY A 1 4.32 3.43 3.92
C GLY A 1 2.97 2.83 3.56
N CYS A 3 2.33 1.34 1.37
CA CYS A 3 2.29 1.36 -0.09
C CYS A 3 2.48 -0.04 -0.68
N SER A 4 3.49 -0.75 -0.19
CA SER A 4 3.78 -2.10 -0.68
C SER A 4 3.09 -3.16 0.17
N ASP A 5 2.54 -2.75 1.30
CA ASP A 5 1.86 -3.69 2.20
C ASP A 5 0.48 -4.10 1.64
N PRO A 6 0.20 -5.40 1.52
CA PRO A 6 -1.09 -5.92 0.99
C PRO A 6 -2.29 -5.31 1.71
N ARG A 7 -2.16 -5.09 3.01
CA ARG A 7 -3.24 -4.51 3.81
C ARG A 7 -3.44 -3.03 3.46
N ARG A 9 -2.04 -1.87 0.18
CA ARG A 9 -1.65 -1.75 -1.22
C ARG A 9 -2.52 -0.73 -1.94
N TYR A 10 -3.68 -0.42 -1.34
CA TYR A 10 -4.59 0.55 -1.95
C TYR A 10 -4.01 1.96 -1.88
N ARG A 11 -3.57 2.35 -0.69
CA ARG A 11 -3.00 3.69 -0.51
C ARG A 11 -1.49 3.66 -0.68
N CYS A 12 -0.94 4.73 -1.24
CA CYS A 12 0.49 4.81 -1.47
C CYS A 12 0.91 6.25 -1.70
N ARG A 13 1.78 6.76 -0.83
CA ARG A 13 2.25 8.13 -0.95
C ARG A 13 3.43 8.21 -1.93
N GLY A 1 6.42 0.28 4.47
CA GLY A 1 5.25 1.19 4.55
C GLY A 1 3.98 0.42 4.21
N CYS A 3 1.73 1.31 1.95
CA CYS A 3 1.61 1.29 0.50
C CYS A 3 2.21 0.01 -0.07
N SER A 4 3.43 -0.29 0.33
CA SER A 4 4.12 -1.49 -0.15
C SER A 4 3.37 -2.75 0.29
N ASP A 5 2.87 -2.74 1.53
CA ASP A 5 2.15 -3.88 2.06
C ASP A 5 0.81 -4.09 1.31
N PRO A 6 0.39 -5.34 1.15
CA PRO A 6 -0.87 -5.68 0.43
C PRO A 6 -2.11 -5.25 1.22
N ARG A 7 -1.96 -5.12 2.53
CA ARG A 7 -3.07 -4.72 3.38
C ARG A 7 -3.34 -3.22 3.25
N ARG A 9 -2.22 -1.52 0.17
CA ARG A 9 -1.84 -1.22 -1.21
C ARG A 9 -2.68 -0.08 -1.76
N TYR A 10 -3.76 0.25 -1.04
CA TYR A 10 -4.63 1.33 -1.48
C TYR A 10 -3.95 2.68 -1.37
N ARG A 11 -3.19 2.86 -0.29
CA ARG A 11 -2.48 4.12 -0.07
C ARG A 11 -1.50 4.40 -1.20
N CYS A 12 -0.82 3.35 -1.66
CA CYS A 12 0.16 3.49 -2.73
C CYS A 12 -0.54 3.88 -4.04
N ARG A 13 -1.68 3.26 -4.30
CA ARG A 13 -2.43 3.55 -5.51
C ARG A 13 -3.30 4.79 -5.32
N GLY A 1 5.38 4.68 2.33
CA GLY A 1 3.92 4.45 2.48
C GLY A 1 3.66 2.98 2.80
N CYS A 3 2.40 1.09 1.40
CA CYS A 3 2.45 0.34 0.14
C CYS A 3 3.39 -0.86 0.27
N SER A 4 4.14 -0.89 1.36
CA SER A 4 5.06 -1.99 1.59
C SER A 4 4.32 -3.32 1.65
N ASP A 5 3.02 -3.26 1.94
CA ASP A 5 2.20 -4.47 2.01
C ASP A 5 0.87 -4.30 1.24
N PRO A 6 0.31 -5.39 0.70
CA PRO A 6 -0.99 -5.36 -0.06
C PRO A 6 -2.14 -4.82 0.78
N ARG A 7 -2.07 -5.05 2.09
CA ARG A 7 -3.12 -4.60 2.99
C ARG A 7 -3.29 -3.09 2.92
N ARG A 9 -2.74 -1.37 -0.04
CA ARG A 9 -2.72 -1.10 -1.46
C ARG A 9 -3.57 0.11 -1.79
N TYR A 10 -4.41 0.50 -0.84
CA TYR A 10 -5.30 1.64 -1.05
C TYR A 10 -4.49 2.95 -1.13
N ARG A 11 -3.67 3.19 -0.12
CA ARG A 11 -2.84 4.39 -0.08
C ARG A 11 -1.82 4.36 -1.20
N CYS A 12 -1.30 3.18 -1.48
CA CYS A 12 -0.29 3.04 -2.54
C CYS A 12 -0.85 3.53 -3.88
N ARG A 13 -2.08 3.14 -4.18
CA ARG A 13 -2.71 3.55 -5.43
C ARG A 13 -3.27 4.96 -5.31
N GLY A 1 6.38 0.28 4.83
CA GLY A 1 5.29 1.23 4.52
C GLY A 1 4.01 0.46 4.18
N CYS A 3 1.78 1.29 1.92
CA CYS A 3 1.66 1.24 0.48
C CYS A 3 2.24 -0.07 -0.06
N SER A 4 3.46 -0.37 0.33
CA SER A 4 4.12 -1.59 -0.10
C SER A 4 3.37 -2.82 0.38
N ASP A 5 2.87 -2.76 1.61
CA ASP A 5 2.14 -3.89 2.17
C ASP A 5 0.77 -4.08 1.48
N PRO A 6 0.43 -5.29 1.04
CA PRO A 6 -0.88 -5.56 0.37
C PRO A 6 -2.07 -5.06 1.17
N ARG A 7 -1.95 -5.14 2.49
CA ARG A 7 -3.02 -4.71 3.38
C ARG A 7 -3.29 -3.22 3.23
N ARG A 9 -2.26 -1.51 0.14
CA ARG A 9 -1.92 -1.22 -1.25
C ARG A 9 -2.74 -0.04 -1.76
N TYR A 10 -3.83 0.25 -1.08
CA TYR A 10 -4.71 1.35 -1.48
C TYR A 10 -4.00 2.70 -1.35
N ARG A 11 -3.22 2.84 -0.29
CA ARG A 11 -2.50 4.09 -0.06
C ARG A 11 -1.51 4.37 -1.19
N CYS A 12 -0.85 3.33 -1.65
CA CYS A 12 0.13 3.47 -2.72
C CYS A 12 -0.56 3.90 -4.01
N ARG A 13 -1.72 3.33 -4.27
CA ARG A 13 -2.48 3.66 -5.48
C ARG A 13 -3.38 4.86 -5.22
#